data_7BE6
#
_entry.id   7BE6
#
_cell.length_a   63.023
_cell.length_b   131.967
_cell.length_c   43.803
_cell.angle_alpha   90.000
_cell.angle_beta   90.000
_cell.angle_gamma   90.000
#
_symmetry.space_group_name_H-M   'P 21 21 2'
#
loop_
_entity.id
_entity.type
_entity.pdbx_description
1 polymer 'Epithelial discoidin domain-containing receptor 1'
2 non-polymer 1,2-ETHANEDIOL
3 non-polymer 'PHOSPHATE ION'
4 non-polymer 'SULFATE ION'
5 non-polymer 5-amino-N-(4-(((2S)-4-cyclohexyl-1-((1-(methylsulfonyl)piperidin-3-yl)amino)-1-oxobutan-2-yl)carbamoyl)benzyl)-1-phenyl-1H-pyrazole-4-carboxamide
6 water water
#
_entity_poly.entity_id   1
_entity_poly.type   'polypeptide(L)'
_entity_poly.pdbx_seq_one_letter_code
;SMPRVDFPRSRLRFKEKLGEGQFGEVHLCEVDSPQDLVSLDFPLNVRKGHPLLVAVKILRPDATKNARNDFLKEVKIMSR
LKDPNIIRLLGVCVQDDPLCMITDYMENGDLNQFLSAHQLEDKAAEGAPGDGQAAQGPTISYPMLLHVAAQIASGMRYLA
TLNFVHRDLATRNCLVGENFTIKIADFGMSRNLYAGDYYRVQGRAVLPIRWMAWECILMGKFTTASDVWAFGVTLWEVLM
LCRAQPFGQLTDEQVIENAGEFFRDQGRQVYLSRPPACPQGLYELMLRCWSRESEQRPPFSQLHRFLAEDALNTV
;
_entity_poly.pdbx_strand_id   A
#
loop_
_chem_comp.id
_chem_comp.type
_chem_comp.name
_chem_comp.formula
EDO non-polymer 1,2-ETHANEDIOL 'C2 H6 O2'
PO4 non-polymer 'PHOSPHATE ION' 'O4 P -3'
SO4 non-polymer 'SULFATE ION' 'O4 S -2'
TJW non-polymer 5-amino-N-(4-(((2S)-4-cyclohexyl-1-((1-(methylsulfonyl)piperidin-3-yl)amino)-1-oxobutan-2-yl)carbamoyl)benzyl)-1-phenyl-1H-pyrazole-4-carboxamide 'C34 H45 N7 O5 S'
#
# COMPACT_ATOMS: atom_id res chain seq x y z
N MET A 2 -20.14 -8.37 -0.80
CA MET A 2 -20.39 -8.69 0.60
C MET A 2 -20.72 -10.19 0.78
N PRO A 3 -20.07 -10.83 1.76
CA PRO A 3 -20.27 -12.27 1.95
C PRO A 3 -21.71 -12.61 2.29
N ARG A 4 -22.12 -13.82 1.87
CA ARG A 4 -23.47 -14.29 2.14
C ARG A 4 -23.61 -14.78 3.58
N VAL A 5 -22.52 -15.27 4.18
CA VAL A 5 -22.52 -15.83 5.52
C VAL A 5 -21.28 -15.35 6.26
N ASP A 6 -21.35 -15.38 7.59
CA ASP A 6 -20.20 -15.09 8.44
C ASP A 6 -19.16 -16.21 8.39
N PHE A 7 -17.88 -15.84 8.44
CA PHE A 7 -16.85 -16.82 8.76
C PHE A 7 -17.14 -17.43 10.14
N PRO A 8 -17.02 -18.74 10.31
CA PRO A 8 -17.35 -19.34 11.62
C PRO A 8 -16.29 -19.01 12.66
N ARG A 9 -16.69 -18.24 13.69
CA ARG A 9 -15.76 -17.78 14.71
C ARG A 9 -15.01 -18.94 15.35
N SER A 10 -15.70 -20.07 15.52
CA SER A 10 -15.15 -21.19 16.27
C SER A 10 -13.92 -21.78 15.60
N ARG A 11 -13.70 -21.47 14.33
CA ARG A 11 -12.57 -22.06 13.60
C ARG A 11 -11.32 -21.22 13.67
N LEU A 12 -11.36 -20.09 14.35
CA LEU A 12 -10.18 -19.23 14.49
C LEU A 12 -9.43 -19.60 15.75
N ARG A 13 -8.20 -20.07 15.61
CA ARG A 13 -7.36 -20.46 16.75
C ARG A 13 -6.34 -19.37 17.01
N PHE A 14 -6.44 -18.72 18.17
CA PHE A 14 -5.54 -17.62 18.49
C PHE A 14 -4.11 -18.10 18.63
N LYS A 15 -3.16 -17.30 18.14
CA LYS A 15 -1.74 -17.60 18.30
C LYS A 15 -0.98 -16.44 18.93
N GLU A 16 -1.16 -15.21 18.43
CA GLU A 16 -0.51 -14.08 19.09
C GLU A 16 -1.19 -12.78 18.69
N LYS A 17 -0.97 -11.77 19.52
CA LYS A 17 -1.40 -10.41 19.22
C LYS A 17 -0.46 -9.81 18.17
N LEU A 18 -1.03 -9.25 17.11
CA LEU A 18 -0.20 -8.56 16.13
C LEU A 18 -0.12 -7.07 16.42
N GLY A 19 -1.23 -6.48 16.86
CA GLY A 19 -1.23 -5.07 17.18
C GLY A 19 -2.43 -4.71 18.03
N GLU A 20 -2.37 -3.50 18.57
CA GLU A 20 -3.30 -3.05 19.60
C GLU A 20 -3.64 -1.59 19.36
N GLY A 21 -4.93 -1.26 19.46
CA GLY A 21 -5.38 0.11 19.25
C GLY A 21 -6.34 0.57 20.32
N GLN A 22 -6.93 1.75 20.14
CA GLN A 22 -7.84 2.29 21.14
C GLN A 22 -9.15 1.50 21.17
N PHE A 23 -9.65 1.08 20.00
CA PHE A 23 -10.95 0.44 19.91
C PHE A 23 -10.89 -0.99 19.39
N GLY A 24 -9.71 -1.59 19.28
CA GLY A 24 -9.65 -2.94 18.76
C GLY A 24 -8.27 -3.53 18.89
N GLU A 25 -8.14 -4.79 18.47
CA GLU A 25 -6.86 -5.47 18.38
C GLU A 25 -6.80 -6.22 17.05
N VAL A 26 -5.61 -6.66 16.68
CA VAL A 26 -5.40 -7.51 15.50
C VAL A 26 -4.64 -8.75 15.96
N HIS A 27 -5.17 -9.93 15.66
CA HIS A 27 -4.62 -11.19 16.15
C HIS A 27 -4.16 -12.06 14.99
N LEU A 28 -3.03 -12.77 15.18
CA LEU A 28 -2.64 -13.84 14.27
C LEU A 28 -3.37 -15.12 14.67
N CYS A 29 -4.12 -15.72 13.74
CA CYS A 29 -4.88 -16.93 14.01
C CYS A 29 -4.59 -18.00 12.96
N GLU A 30 -4.70 -19.27 13.38
CA GLU A 30 -4.70 -20.39 12.45
C GLU A 30 -6.13 -20.90 12.27
N VAL A 31 -6.45 -21.39 11.08
CA VAL A 31 -7.79 -21.84 10.76
C VAL A 31 -7.83 -23.38 10.76
N ASP A 32 -8.79 -23.95 11.50
CA ASP A 32 -8.99 -25.39 11.49
C ASP A 32 -9.52 -25.88 10.15
N SER A 33 -8.84 -26.87 9.57
CA SER A 33 -9.34 -27.64 8.42
C SER A 33 -9.87 -26.76 7.29
N PRO A 34 -9.05 -25.86 6.73
CA PRO A 34 -9.59 -24.85 5.80
C PRO A 34 -10.20 -25.41 4.53
N GLN A 35 -9.88 -26.64 4.12
CA GLN A 35 -10.44 -27.18 2.88
C GLN A 35 -11.96 -27.25 2.92
N ASP A 36 -12.54 -27.42 4.11
CA ASP A 36 -14.00 -27.40 4.24
C ASP A 36 -14.58 -26.08 3.73
N LEU A 37 -13.84 -24.98 3.89
CA LEU A 37 -14.37 -23.65 3.66
C LEU A 37 -14.13 -23.17 2.23
N VAL A 38 -13.18 -23.76 1.51
CA VAL A 38 -12.98 -23.39 0.11
C VAL A 38 -14.21 -23.78 -0.72
N SER A 39 -14.88 -24.88 -0.36
CA SER A 39 -16.06 -25.34 -1.08
C SER A 39 -17.23 -24.38 -0.93
N LEU A 40 -17.17 -23.46 0.05
CA LEU A 40 -18.21 -22.47 0.28
C LEU A 40 -17.81 -21.08 -0.21
N ASP A 41 -16.86 -21.01 -1.12
CA ASP A 41 -16.43 -19.74 -1.74
C ASP A 41 -15.78 -18.80 -0.74
N PHE A 42 -15.11 -19.34 0.28
CA PHE A 42 -14.14 -18.55 1.04
C PHE A 42 -12.80 -18.58 0.31
N PRO A 43 -12.19 -17.41 0.03
CA PRO A 43 -10.97 -17.37 -0.80
C PRO A 43 -9.70 -17.71 -0.03
N LEU A 44 -9.63 -18.94 0.46
CA LEU A 44 -8.47 -19.45 1.20
C LEU A 44 -7.57 -20.26 0.27
N ASN A 45 -6.27 -20.05 0.39
CA ASN A 45 -5.30 -20.75 -0.45
C ASN A 45 -4.54 -21.74 0.43
N VAL A 46 -4.97 -23.01 0.38
CA VAL A 46 -4.39 -24.06 1.22
C VAL A 46 -3.24 -24.72 0.47
N ARG A 47 -2.28 -25.25 1.22
CA ARG A 47 -1.24 -26.10 0.67
C ARG A 47 -1.50 -27.55 1.04
N LYS A 48 -0.55 -28.21 1.69
CA LYS A 48 -0.73 -29.62 2.04
C LYS A 48 -0.27 -29.91 3.46
N GLY A 49 1.02 -29.70 3.72
CA GLY A 49 1.57 -29.86 5.06
C GLY A 49 1.79 -28.57 5.80
N HIS A 50 1.22 -27.46 5.32
CA HIS A 50 1.42 -26.14 5.92
C HIS A 50 0.11 -25.63 6.50
N PRO A 51 0.17 -25.04 7.70
CA PRO A 51 -1.04 -24.46 8.29
C PRO A 51 -1.46 -23.18 7.57
N LEU A 52 -2.72 -22.80 7.80
CA LEU A 52 -3.34 -21.64 7.16
C LEU A 52 -3.42 -20.53 8.21
N LEU A 53 -2.64 -19.46 8.00
CA LEU A 53 -2.60 -18.34 8.93
C LEU A 53 -3.36 -17.15 8.35
N VAL A 54 -4.04 -16.41 9.23
CA VAL A 54 -4.83 -15.23 8.84
C VAL A 54 -4.64 -14.16 9.91
N ALA A 55 -4.93 -12.90 9.53
CA ALA A 55 -4.98 -11.78 10.45
C ALA A 55 -6.44 -11.42 10.72
N VAL A 56 -6.78 -11.17 11.99
CA VAL A 56 -8.17 -10.91 12.37
C VAL A 56 -8.23 -9.60 13.16
N LYS A 57 -8.90 -8.61 12.59
CA LYS A 57 -9.13 -7.35 13.28
C LYS A 57 -10.48 -7.40 13.99
N ILE A 58 -10.47 -7.11 15.30
CA ILE A 58 -11.61 -7.37 16.19
C ILE A 58 -11.92 -6.09 16.96
N LEU A 59 -13.18 -5.68 16.96
CA LEU A 59 -13.62 -4.54 17.75
C LEU A 59 -13.70 -4.89 19.24
N ARG A 60 -13.19 -3.99 20.08
CA ARG A 60 -13.34 -4.17 21.51
C ARG A 60 -14.82 -4.12 21.89
N PRO A 61 -15.23 -4.87 22.91
CA PRO A 61 -16.66 -4.89 23.28
C PRO A 61 -17.19 -3.57 23.80
N ASP A 62 -16.33 -2.64 24.19
CA ASP A 62 -16.76 -1.33 24.65
C ASP A 62 -16.48 -0.21 23.66
N ALA A 63 -16.27 -0.56 22.39
CA ALA A 63 -15.95 0.44 21.38
C ALA A 63 -17.08 1.45 21.21
N THR A 64 -16.71 2.70 20.93
CA THR A 64 -17.71 3.75 20.77
C THR A 64 -18.56 3.52 19.52
N LYS A 65 -19.61 4.33 19.39
CA LYS A 65 -20.44 4.25 18.19
C LYS A 65 -19.66 4.74 16.96
N ASN A 66 -18.81 5.76 17.13
CA ASN A 66 -18.01 6.25 16.02
C ASN A 66 -17.06 5.18 15.50
N ALA A 67 -16.41 4.46 16.41
CA ALA A 67 -15.48 3.41 16.00
C ALA A 67 -16.20 2.27 15.30
N ARG A 68 -17.41 1.92 15.76
CA ARG A 68 -18.20 0.89 15.09
C ARG A 68 -18.61 1.32 13.68
N ASN A 69 -19.00 2.60 13.51
CA ASN A 69 -19.27 3.16 12.19
C ASN A 69 -18.07 3.06 11.25
N ASP A 70 -16.88 3.47 11.73
CA ASP A 70 -15.66 3.35 10.92
C ASP A 70 -15.41 1.91 10.49
N PHE A 71 -15.60 0.96 11.41
CA PHE A 71 -15.35 -0.45 11.14
C PHE A 71 -16.28 -0.99 10.05
N LEU A 72 -17.58 -0.67 10.16
CA LEU A 72 -18.55 -1.14 9.19
C LEU A 72 -18.26 -0.57 7.80
N LYS A 73 -17.86 0.71 7.71
CA LYS A 73 -17.55 1.25 6.40
C LYS A 73 -16.27 0.62 5.82
N GLU A 74 -15.28 0.33 6.67
CA GLU A 74 -14.08 -0.34 6.20
C GLU A 74 -14.42 -1.71 5.59
N VAL A 75 -15.27 -2.48 6.27
CA VAL A 75 -15.72 -3.76 5.72
C VAL A 75 -16.37 -3.57 4.33
N LYS A 76 -17.25 -2.57 4.20
CA LYS A 76 -17.93 -2.35 2.93
C LYS A 76 -16.94 -2.09 1.79
N ILE A 77 -15.94 -1.24 2.04
CA ILE A 77 -14.97 -0.91 1.00
C ILE A 77 -14.18 -2.16 0.61
N MET A 78 -13.68 -2.90 1.61
CA MET A 78 -12.83 -4.06 1.32
C MET A 78 -13.59 -5.16 0.57
N SER A 79 -14.91 -5.27 0.79
CA SER A 79 -15.67 -6.37 0.18
C SER A 79 -15.66 -6.32 -1.34
N ARG A 80 -15.39 -5.15 -1.92
CA ARG A 80 -15.37 -4.98 -3.38
C ARG A 80 -14.07 -5.44 -4.03
N LEU A 81 -12.96 -5.40 -3.31
CA LEU A 81 -11.64 -5.43 -3.94
C LEU A 81 -11.12 -6.86 -4.04
N LYS A 82 -10.99 -7.38 -5.26
CA LYS A 82 -10.58 -8.77 -5.50
C LYS A 82 -9.49 -8.80 -6.58
N ASP A 83 -8.22 -8.78 -6.15
CA ASP A 83 -7.07 -8.74 -7.07
C ASP A 83 -5.86 -9.32 -6.36
N PRO A 84 -4.97 -10.03 -7.05
CA PRO A 84 -3.80 -10.62 -6.37
C PRO A 84 -2.87 -9.60 -5.70
N ASN A 85 -2.89 -8.33 -6.08
CA ASN A 85 -1.98 -7.35 -5.49
C ASN A 85 -2.70 -6.27 -4.68
N ILE A 86 -3.95 -6.53 -4.24
CA ILE A 86 -4.67 -5.71 -3.28
C ILE A 86 -5.00 -6.59 -2.08
N ILE A 87 -4.93 -6.03 -0.85
CA ILE A 87 -5.28 -6.82 0.33
C ILE A 87 -6.71 -7.37 0.17
N ARG A 88 -6.92 -8.61 0.64
N ARG A 88 -6.92 -8.60 0.66
CA ARG A 88 -8.15 -9.33 0.38
CA ARG A 88 -8.14 -9.35 0.40
C ARG A 88 -8.92 -9.59 1.68
C ARG A 88 -8.92 -9.60 1.68
N LEU A 89 -10.24 -9.37 1.62
CA LEU A 89 -11.14 -9.68 2.73
C LEU A 89 -11.48 -11.16 2.64
N LEU A 90 -10.88 -11.97 3.51
CA LEU A 90 -11.14 -13.41 3.50
C LEU A 90 -12.47 -13.78 4.14
N GLY A 91 -13.01 -12.94 5.02
CA GLY A 91 -14.28 -13.22 5.67
C GLY A 91 -14.56 -12.17 6.73
N VAL A 92 -15.79 -12.22 7.26
CA VAL A 92 -16.27 -11.29 8.27
C VAL A 92 -17.05 -12.05 9.34
N CYS A 93 -17.15 -11.45 10.52
CA CYS A 93 -18.11 -11.86 11.54
C CYS A 93 -18.90 -10.62 11.95
N VAL A 94 -20.09 -10.42 11.36
CA VAL A 94 -20.92 -9.26 11.63
C VAL A 94 -22.36 -9.61 12.00
N GLN A 95 -22.73 -10.89 12.05
CA GLN A 95 -24.09 -11.21 12.49
C GLN A 95 -24.26 -11.03 13.98
N ASP A 96 -23.16 -10.87 14.72
CA ASP A 96 -23.18 -10.69 16.16
C ASP A 96 -21.91 -9.96 16.58
N ASP A 97 -21.87 -9.52 17.83
CA ASP A 97 -20.69 -8.88 18.41
C ASP A 97 -19.79 -9.93 19.03
N PRO A 98 -18.47 -9.66 19.09
CA PRO A 98 -17.77 -8.50 18.51
C PRO A 98 -17.59 -8.62 16.99
N LEU A 99 -17.60 -7.48 16.30
CA LEU A 99 -17.39 -7.47 14.86
C LEU A 99 -15.95 -7.83 14.53
N CYS A 100 -15.76 -8.66 13.48
CA CYS A 100 -14.44 -9.10 13.03
C CYS A 100 -14.31 -8.96 11.52
N MET A 101 -13.08 -8.68 11.05
CA MET A 101 -12.71 -8.80 9.65
C MET A 101 -11.43 -9.62 9.53
N ILE A 102 -11.37 -10.48 8.52
CA ILE A 102 -10.28 -11.43 8.36
C ILE A 102 -9.58 -11.15 7.04
N THR A 103 -8.25 -10.98 7.10
CA THR A 103 -7.46 -10.65 5.91
C THR A 103 -6.25 -11.56 5.80
N ASP A 104 -5.54 -11.41 4.69
CA ASP A 104 -4.25 -12.06 4.53
C ASP A 104 -3.32 -11.72 5.70
N TYR A 105 -2.48 -12.69 6.05
CA TYR A 105 -1.37 -12.49 6.97
C TYR A 105 -0.09 -12.34 6.13
N MET A 106 0.58 -11.20 6.26
CA MET A 106 1.72 -10.87 5.39
C MET A 106 2.98 -10.81 6.26
N GLU A 107 3.71 -11.94 6.30
CA GLU A 107 4.67 -12.16 7.39
C GLU A 107 5.87 -11.24 7.34
N ASN A 108 6.17 -10.60 6.21
CA ASN A 108 7.35 -9.76 6.11
C ASN A 108 7.06 -8.27 6.34
N GLY A 109 5.85 -7.91 6.80
CA GLY A 109 5.59 -6.53 7.22
C GLY A 109 5.37 -5.59 6.03
N ASP A 110 5.51 -4.28 6.29
CA ASP A 110 5.27 -3.36 5.17
C ASP A 110 6.55 -3.22 4.36
N LEU A 111 6.39 -2.68 3.14
CA LEU A 111 7.49 -2.70 2.17
C LEU A 111 8.62 -1.76 2.56
N ASN A 112 8.32 -0.68 3.30
CA ASN A 112 9.36 0.19 3.82
C ASN A 112 10.22 -0.55 4.83
N GLN A 113 9.59 -1.23 5.79
CA GLN A 113 10.34 -2.04 6.75
C GLN A 113 11.18 -3.10 6.06
N PHE A 114 10.61 -3.76 5.04
CA PHE A 114 11.26 -4.85 4.32
C PHE A 114 12.49 -4.35 3.56
N LEU A 115 12.33 -3.31 2.73
CA LEU A 115 13.47 -2.84 1.93
C LEU A 115 14.54 -2.18 2.81
N SER A 116 14.16 -1.53 3.90
CA SER A 116 15.17 -0.95 4.78
C SER A 116 16.09 -2.01 5.37
N ALA A 117 15.63 -3.27 5.45
CA ALA A 117 16.41 -4.35 6.01
C ALA A 117 17.29 -5.08 4.99
N HIS A 118 17.23 -4.70 3.71
CA HIS A 118 17.99 -5.34 2.64
C HIS A 118 19.02 -4.38 2.06
N GLN A 119 20.05 -4.97 1.45
CA GLN A 119 21.04 -4.27 0.64
C GLN A 119 20.88 -4.69 -0.81
N LEU A 120 21.22 -3.79 -1.73
CA LEU A 120 21.20 -4.11 -3.16
C LEU A 120 22.32 -5.10 -3.51
N GLU A 121 21.97 -6.14 -4.27
CA GLU A 121 22.97 -7.10 -4.70
C GLU A 121 23.90 -6.50 -5.74
N ASP A 122 25.20 -6.73 -5.59
CA ASP A 122 26.20 -6.36 -6.60
C ASP A 122 26.90 -7.64 -7.03
N LYS A 123 26.41 -8.24 -8.10
CA LYS A 123 26.93 -9.51 -8.58
C LYS A 123 28.36 -9.40 -9.10
N ALA A 124 28.83 -8.18 -9.37
CA ALA A 124 30.17 -7.98 -9.91
C ALA A 124 31.25 -7.95 -8.83
N ALA A 125 30.89 -8.05 -7.56
CA ALA A 125 31.90 -8.08 -6.50
C ALA A 125 32.24 -9.51 -6.13
N GLY A 137 24.52 -8.37 5.09
CA GLY A 137 23.15 -8.74 5.40
C GLY A 137 22.42 -9.32 4.20
N PRO A 138 21.10 -9.47 4.32
CA PRO A 138 20.33 -10.00 3.20
C PRO A 138 20.28 -9.00 2.03
N THR A 139 20.28 -9.56 0.82
CA THR A 139 20.32 -8.75 -0.39
C THR A 139 19.07 -8.95 -1.23
N ILE A 140 18.89 -8.05 -2.18
CA ILE A 140 17.80 -8.13 -3.15
C ILE A 140 18.33 -7.63 -4.49
N SER A 141 17.94 -8.29 -5.57
CA SER A 141 18.48 -7.96 -6.89
C SER A 141 17.68 -6.83 -7.54
N TYR A 142 18.31 -6.20 -8.53
CA TYR A 142 17.61 -5.16 -9.29
C TYR A 142 16.40 -5.71 -10.03
N PRO A 143 16.47 -6.87 -10.71
CA PRO A 143 15.25 -7.43 -11.29
C PRO A 143 14.13 -7.64 -10.26
N MET A 144 14.46 -8.06 -9.04
CA MET A 144 13.41 -8.26 -8.04
C MET A 144 12.80 -6.93 -7.59
N LEU A 145 13.61 -5.88 -7.47
CA LEU A 145 13.06 -4.55 -7.19
C LEU A 145 12.08 -4.12 -8.26
N LEU A 146 12.38 -4.43 -9.53
CA LEU A 146 11.44 -4.10 -10.61
C LEU A 146 10.20 -4.98 -10.55
N HIS A 147 10.34 -6.25 -10.18
CA HIS A 147 9.18 -7.13 -10.00
C HIS A 147 8.26 -6.63 -8.89
N VAL A 148 8.85 -6.13 -7.80
CA VAL A 148 8.06 -5.52 -6.73
C VAL A 148 7.27 -4.32 -7.27
N ALA A 149 7.94 -3.44 -8.01
CA ALA A 149 7.27 -2.26 -8.53
C ALA A 149 6.19 -2.61 -9.55
N ALA A 150 6.45 -3.63 -10.37
CA ALA A 150 5.45 -4.06 -11.35
C ALA A 150 4.18 -4.55 -10.66
N GLN A 151 4.33 -5.26 -9.53
CA GLN A 151 3.17 -5.72 -8.77
C GLN A 151 2.35 -4.57 -8.21
N ILE A 152 3.02 -3.53 -7.70
CA ILE A 152 2.29 -2.35 -7.24
C ILE A 152 1.50 -1.73 -8.39
N ALA A 153 2.12 -1.61 -9.58
CA ALA A 153 1.44 -0.99 -10.71
C ALA A 153 0.24 -1.81 -11.16
N SER A 154 0.36 -3.14 -11.10
CA SER A 154 -0.76 -4.01 -11.48
C SER A 154 -1.93 -3.87 -10.50
N GLY A 155 -1.65 -3.77 -9.22
CA GLY A 155 -2.72 -3.53 -8.26
C GLY A 155 -3.41 -2.19 -8.49
N MET A 156 -2.63 -1.14 -8.80
CA MET A 156 -3.25 0.17 -9.05
C MET A 156 -4.03 0.17 -10.35
N ARG A 157 -3.57 -0.58 -11.35
CA ARG A 157 -4.33 -0.75 -12.58
C ARG A 157 -5.72 -1.26 -12.27
N TYR A 158 -5.83 -2.24 -11.37
CA TYR A 158 -7.12 -2.78 -10.97
C TYR A 158 -7.99 -1.70 -10.32
N LEU A 159 -7.44 -0.96 -9.35
CA LEU A 159 -8.21 0.10 -8.71
C LEU A 159 -8.69 1.12 -9.74
N ALA A 160 -7.86 1.40 -10.75
CA ALA A 160 -8.24 2.37 -11.77
C ALA A 160 -9.49 1.92 -12.52
N THR A 161 -9.62 0.62 -12.80
CA THR A 161 -10.81 0.15 -13.53
C THR A 161 -12.09 0.26 -12.71
N LEU A 162 -11.99 0.32 -11.39
CA LEU A 162 -13.14 0.54 -10.53
C LEU A 162 -13.39 2.01 -10.23
N ASN A 163 -12.60 2.91 -10.82
CA ASN A 163 -12.63 4.34 -10.52
C ASN A 163 -12.44 4.60 -9.03
N PHE A 164 -11.55 3.82 -8.41
CA PHE A 164 -11.25 3.98 -6.99
C PHE A 164 -9.90 4.66 -6.86
N VAL A 165 -9.86 5.81 -6.19
CA VAL A 165 -8.62 6.58 -5.98
C VAL A 165 -8.07 6.24 -4.60
N HIS A 166 -6.80 5.82 -4.53
CA HIS A 166 -6.23 5.37 -3.25
C HIS A 166 -6.01 6.54 -2.30
N ARG A 167 -5.33 7.60 -2.77
CA ARG A 167 -5.04 8.86 -2.11
C ARG A 167 -3.85 8.79 -1.13
N ASP A 168 -3.33 7.60 -0.78
CA ASP A 168 -2.14 7.53 0.09
C ASP A 168 -1.20 6.40 -0.34
N LEU A 169 -0.86 6.33 -1.63
CA LEU A 169 0.05 5.28 -2.08
C LEU A 169 1.49 5.62 -1.71
N ALA A 170 2.18 4.66 -1.07
CA ALA A 170 3.56 4.80 -0.61
C ALA A 170 4.03 3.43 -0.14
N THR A 171 5.35 3.25 0.01
CA THR A 171 5.81 1.92 0.42
C THR A 171 5.28 1.55 1.80
N ARG A 172 5.11 2.53 2.69
CA ARG A 172 4.60 2.19 4.02
C ARG A 172 3.21 1.55 3.99
N ASN A 173 2.48 1.68 2.88
CA ASN A 173 1.14 1.12 2.77
C ASN A 173 1.08 -0.14 1.91
N CYS A 174 2.22 -0.69 1.50
CA CYS A 174 2.26 -1.97 0.78
C CYS A 174 2.75 -3.07 1.72
N LEU A 175 2.14 -4.24 1.64
CA LEU A 175 2.50 -5.37 2.51
C LEU A 175 3.26 -6.44 1.74
N VAL A 176 4.17 -7.14 2.42
CA VAL A 176 5.05 -8.14 1.78
C VAL A 176 4.77 -9.52 2.36
N GLY A 177 4.47 -10.48 1.49
CA GLY A 177 4.28 -11.87 1.91
C GLY A 177 5.44 -12.77 1.52
N GLU A 178 5.18 -14.05 1.27
CA GLU A 178 6.21 -14.98 0.85
C GLU A 178 6.54 -14.79 -0.65
N ASN A 179 7.77 -15.17 -1.02
CA ASN A 179 8.23 -15.12 -2.40
C ASN A 179 8.08 -13.73 -3.04
N PHE A 180 8.34 -12.69 -2.23
CA PHE A 180 8.31 -11.30 -2.69
C PHE A 180 6.94 -10.85 -3.22
N THR A 181 5.86 -11.46 -2.73
CA THR A 181 4.52 -11.02 -3.13
C THR A 181 4.13 -9.73 -2.42
N ILE A 182 3.45 -8.82 -3.15
CA ILE A 182 3.09 -7.50 -2.64
C ILE A 182 1.58 -7.35 -2.69
N LYS A 183 0.98 -6.81 -1.63
CA LYS A 183 -0.43 -6.38 -1.67
C LYS A 183 -0.56 -4.97 -1.12
N ILE A 184 -1.22 -4.09 -1.90
CA ILE A 184 -1.48 -2.71 -1.47
C ILE A 184 -2.56 -2.70 -0.38
N ALA A 185 -2.32 -1.90 0.67
CA ALA A 185 -3.29 -1.69 1.74
C ALA A 185 -3.40 -0.19 2.07
N ASP A 186 -4.04 0.15 3.20
CA ASP A 186 -4.00 1.53 3.69
C ASP A 186 -4.10 1.52 5.21
N PHE A 187 -2.99 1.82 5.88
CA PHE A 187 -2.98 1.95 7.34
C PHE A 187 -3.20 3.37 7.84
N GLY A 188 -3.24 4.37 6.96
CA GLY A 188 -3.33 5.76 7.37
C GLY A 188 -2.16 6.17 8.25
N MET A 189 -2.43 7.08 9.18
CA MET A 189 -1.45 7.44 10.21
C MET A 189 -1.85 6.82 11.55
N SER A 190 -1.95 5.49 11.59
CA SER A 190 -2.51 4.79 12.74
C SER A 190 -1.49 3.92 13.48
N ARG A 191 -0.19 4.10 13.23
CA ARG A 191 0.82 3.24 13.83
C ARG A 191 1.94 3.96 14.56
N ASN A 192 2.01 5.30 14.50
CA ASN A 192 3.00 6.19 15.10
C ASN A 192 4.35 6.14 14.38
N LEU A 193 4.58 5.16 13.50
CA LEU A 193 5.91 4.97 12.91
C LEU A 193 6.26 6.07 11.91
N TYR A 194 5.26 6.58 11.18
CA TYR A 194 5.50 7.40 10.00
C TYR A 194 4.95 8.83 10.14
N ALA A 195 4.92 9.36 11.37
CA ALA A 195 4.32 10.68 11.58
C ALA A 195 5.04 11.78 10.79
N GLY A 196 6.34 11.62 10.55
CA GLY A 196 7.08 12.61 9.76
C GLY A 196 6.67 12.69 8.30
N ASP A 197 5.93 11.69 7.79
CA ASP A 197 5.47 11.72 6.41
C ASP A 197 4.10 12.38 6.23
N TYR A 198 3.49 12.91 7.30
CA TYR A 198 2.17 13.51 7.22
C TYR A 198 2.20 14.93 7.77
N TYR A 199 1.47 15.83 7.11
CA TYR A 199 1.40 17.25 7.45
C TYR A 199 -0.01 17.57 7.94
N ARG A 200 -0.10 18.14 9.14
CA ARG A 200 -1.40 18.39 9.74
C ARG A 200 -2.05 19.65 9.14
N VAL A 201 -3.29 19.51 8.70
CA VAL A 201 -4.06 20.66 8.24
C VAL A 201 -5.22 20.92 9.22
N GLN A 202 -6.44 20.78 8.73
CA GLN A 202 -7.68 20.99 9.46
C GLN A 202 -7.86 19.98 10.59
N GLY A 203 -7.87 20.44 11.84
CA GLY A 203 -8.21 19.56 12.96
C GLY A 203 -7.31 18.34 13.01
N ARG A 204 -7.93 17.16 13.06
CA ARG A 204 -7.18 15.90 13.07
C ARG A 204 -6.77 15.44 11.67
N ALA A 205 -7.17 16.11 10.61
CA ALA A 205 -6.86 15.66 9.26
C ALA A 205 -5.41 15.91 8.91
N VAL A 206 -4.77 14.94 8.25
CA VAL A 206 -3.38 15.06 7.82
C VAL A 206 -3.27 14.68 6.35
N LEU A 207 -2.15 15.09 5.74
CA LEU A 207 -1.95 14.94 4.30
C LEU A 207 -0.53 14.46 4.04
N PRO A 208 -0.32 13.40 3.20
CA PRO A 208 1.06 12.95 2.87
C PRO A 208 1.67 13.79 1.75
N ILE A 209 2.02 15.04 2.08
CA ILE A 209 2.32 16.05 1.03
C ILE A 209 3.48 15.65 0.12
N ARG A 210 4.47 14.89 0.61
CA ARG A 210 5.63 14.60 -0.24
C ARG A 210 5.32 13.62 -1.36
N TRP A 211 4.22 12.86 -1.26
CA TRP A 211 3.74 11.96 -2.30
C TRP A 211 2.64 12.60 -3.17
N MET A 212 2.21 13.82 -2.89
CA MET A 212 1.01 14.39 -3.50
C MET A 212 1.35 15.28 -4.70
N ALA A 213 0.60 15.12 -5.78
CA ALA A 213 0.70 15.98 -6.97
C ALA A 213 0.37 17.43 -6.62
N TRP A 214 0.82 18.37 -7.47
CA TRP A 214 0.66 19.79 -7.15
C TRP A 214 -0.82 20.16 -7.02
N GLU A 215 -1.68 19.56 -7.84
CA GLU A 215 -3.09 19.94 -7.77
C GLU A 215 -3.77 19.37 -6.52
N CYS A 216 -3.22 18.30 -5.92
CA CYS A 216 -3.76 17.82 -4.65
C CYS A 216 -3.44 18.80 -3.54
N ILE A 217 -2.20 19.30 -3.51
CA ILE A 217 -1.82 20.22 -2.44
C ILE A 217 -2.57 21.54 -2.57
N LEU A 218 -2.69 22.07 -3.79
CA LEU A 218 -3.23 23.43 -3.92
C LEU A 218 -4.75 23.45 -3.93
N MET A 219 -5.40 22.44 -4.52
CA MET A 219 -6.85 22.46 -4.71
C MET A 219 -7.58 21.24 -4.15
N GLY A 220 -6.88 20.22 -3.67
CA GLY A 220 -7.58 19.06 -3.15
C GLY A 220 -8.22 18.18 -4.20
N LYS A 221 -7.69 18.20 -5.43
CA LYS A 221 -8.19 17.35 -6.51
C LYS A 221 -7.43 16.02 -6.53
N PHE A 222 -8.10 14.94 -6.11
CA PHE A 222 -7.50 13.61 -6.08
C PHE A 222 -8.13 12.75 -7.18
N THR A 223 -7.29 12.19 -8.05
CA THR A 223 -7.73 11.41 -9.20
C THR A 223 -6.81 10.23 -9.39
N THR A 224 -7.16 9.36 -10.35
CA THR A 224 -6.22 8.31 -10.73
C THR A 224 -4.91 8.92 -11.23
N ALA A 225 -4.97 10.05 -11.94
CA ALA A 225 -3.74 10.72 -12.38
C ALA A 225 -2.87 11.20 -11.22
N SER A 226 -3.48 11.58 -10.09
CA SER A 226 -2.63 11.90 -8.95
C SER A 226 -2.13 10.64 -8.25
N ASP A 227 -2.87 9.52 -8.31
CA ASP A 227 -2.29 8.24 -7.88
C ASP A 227 -1.06 7.88 -8.71
N VAL A 228 -1.04 8.28 -10.00
CA VAL A 228 0.15 7.99 -10.82
C VAL A 228 1.35 8.80 -10.33
N TRP A 229 1.15 10.09 -10.01
CA TRP A 229 2.21 10.90 -9.41
C TRP A 229 2.77 10.23 -8.15
N ALA A 230 1.87 9.79 -7.25
CA ALA A 230 2.30 9.11 -6.03
C ALA A 230 3.04 7.81 -6.35
N PHE A 231 2.64 7.11 -7.40
CA PHE A 231 3.37 5.92 -7.82
C PHE A 231 4.80 6.27 -8.25
N GLY A 232 4.97 7.40 -8.93
CA GLY A 232 6.33 7.85 -9.26
C GLY A 232 7.19 8.03 -8.03
N VAL A 233 6.65 8.65 -6.99
CA VAL A 233 7.40 8.79 -5.73
C VAL A 233 7.61 7.43 -5.07
N THR A 234 6.61 6.53 -5.13
CA THR A 234 6.77 5.20 -4.56
C THR A 234 7.87 4.41 -5.29
N LEU A 235 7.93 4.52 -6.61
CA LEU A 235 9.01 3.88 -7.37
C LEU A 235 10.38 4.43 -6.98
N TRP A 236 10.48 5.75 -6.82
CA TRP A 236 11.69 6.37 -6.29
C TRP A 236 12.10 5.75 -4.95
N GLU A 237 11.13 5.58 -4.03
CA GLU A 237 11.43 4.93 -2.75
C GLU A 237 12.03 3.55 -2.95
N VAL A 238 11.40 2.74 -3.81
CA VAL A 238 11.84 1.35 -3.99
C VAL A 238 13.27 1.31 -4.50
N LEU A 239 13.60 2.17 -5.46
CA LEU A 239 14.93 2.18 -6.05
C LEU A 239 15.97 2.81 -5.12
N MET A 240 15.53 3.57 -4.12
CA MET A 240 16.38 4.05 -3.04
C MET A 240 16.51 3.04 -1.90
N LEU A 241 15.83 1.89 -2.01
CA LEU A 241 15.73 0.89 -0.94
C LEU A 241 15.27 1.53 0.36
N CYS A 242 14.37 2.52 0.24
CA CYS A 242 13.76 3.23 1.37
C CYS A 242 14.80 3.85 2.32
N ARG A 243 15.95 4.29 1.79
CA ARG A 243 16.98 4.83 2.68
C ARG A 243 16.80 6.32 3.04
N ALA A 244 15.88 7.05 2.39
CA ALA A 244 15.73 8.48 2.65
C ALA A 244 14.31 8.93 2.34
N GLN A 245 13.83 9.91 3.09
CA GLN A 245 12.52 10.51 2.80
C GLN A 245 12.58 11.36 1.52
N PRO A 246 11.54 11.32 0.68
CA PRO A 246 11.50 12.24 -0.48
C PRO A 246 11.67 13.69 -0.06
N PHE A 247 12.54 14.41 -0.78
CA PHE A 247 12.86 15.80 -0.48
C PHE A 247 13.34 15.97 0.96
N GLY A 248 14.18 15.02 1.42
CA GLY A 248 14.52 14.98 2.84
C GLY A 248 15.18 16.23 3.38
N GLN A 249 15.91 16.97 2.54
CA GLN A 249 16.57 18.20 2.98
C GLN A 249 15.66 19.42 3.03
N LEU A 250 14.41 19.30 2.59
CA LEU A 250 13.46 20.41 2.50
C LEU A 250 12.38 20.27 3.56
N THR A 251 11.89 21.42 4.06
CA THR A 251 10.84 21.41 5.06
C THR A 251 9.48 21.12 4.41
N ASP A 252 8.50 20.78 5.25
CA ASP A 252 7.12 20.64 4.78
C ASP A 252 6.65 21.90 4.06
N GLU A 253 6.96 23.07 4.63
CA GLU A 253 6.51 24.32 4.00
C GLU A 253 7.19 24.53 2.65
N GLN A 254 8.45 24.09 2.49
CA GLN A 254 9.13 24.21 1.20
C GLN A 254 8.55 23.25 0.15
N VAL A 255 8.07 22.08 0.56
CA VAL A 255 7.40 21.18 -0.38
C VAL A 255 6.08 21.77 -0.85
N ILE A 256 5.34 22.41 0.04
CA ILE A 256 4.10 23.07 -0.35
C ILE A 256 4.39 24.23 -1.30
N GLU A 257 5.45 25.00 -1.06
CA GLU A 257 5.85 26.05 -1.99
C GLU A 257 6.10 25.50 -3.39
N ASN A 258 6.73 24.32 -3.45
CA ASN A 258 7.07 23.70 -4.73
C ASN A 258 5.81 23.40 -5.55
N ALA A 259 4.72 23.00 -4.88
CA ALA A 259 3.47 22.81 -5.59
C ALA A 259 3.03 24.10 -6.28
N GLY A 260 3.22 25.24 -5.60
CA GLY A 260 2.96 26.54 -6.22
C GLY A 260 3.83 26.82 -7.43
N GLU A 261 5.08 26.34 -7.43
CA GLU A 261 5.92 26.54 -8.59
C GLU A 261 5.49 25.66 -9.76
N PHE A 262 4.96 24.46 -9.49
CA PHE A 262 4.37 23.68 -10.57
C PHE A 262 3.20 24.43 -11.20
N PHE A 263 2.38 25.09 -10.38
CA PHE A 263 1.23 25.82 -10.90
C PHE A 263 1.68 27.01 -11.74
N ARG A 264 2.66 27.78 -11.26
CA ARG A 264 3.13 28.97 -11.98
C ARG A 264 3.83 28.60 -13.28
N ASP A 265 4.55 27.48 -13.28
CA ASP A 265 5.19 26.91 -14.47
C ASP A 265 6.17 27.90 -15.12
N GLN A 266 6.99 28.54 -14.29
CA GLN A 266 8.03 29.42 -14.78
C GLN A 266 9.43 28.82 -14.65
N GLY A 267 9.54 27.49 -14.61
CA GLY A 267 10.83 26.83 -14.65
C GLY A 267 11.59 26.78 -13.35
N ARG A 268 10.91 26.96 -12.22
CA ARG A 268 11.58 26.92 -10.93
C ARG A 268 11.04 25.83 -10.02
N GLN A 269 10.15 24.97 -10.52
CA GLN A 269 9.78 23.79 -9.76
C GLN A 269 10.95 22.80 -9.74
N VAL A 270 11.04 21.98 -8.66
CA VAL A 270 12.13 21.03 -8.50
C VAL A 270 11.58 19.61 -8.38
N TYR A 271 12.47 18.65 -8.61
CA TYR A 271 12.11 17.24 -8.73
C TYR A 271 13.00 16.40 -7.83
N LEU A 272 12.48 15.23 -7.44
CA LEU A 272 13.34 14.22 -6.82
C LEU A 272 14.49 13.86 -7.77
N SER A 273 15.69 13.66 -7.21
CA SER A 273 16.86 13.32 -8.02
C SER A 273 16.91 11.83 -8.33
N ARG A 274 17.74 11.47 -9.30
CA ARG A 274 17.81 10.09 -9.77
C ARG A 274 18.52 9.22 -8.71
N PRO A 275 17.92 8.10 -8.31
CA PRO A 275 18.57 7.27 -7.29
C PRO A 275 19.88 6.69 -7.79
N PRO A 276 20.83 6.46 -6.90
CA PRO A 276 22.07 5.79 -7.31
C PRO A 276 21.78 4.47 -8.00
N ALA A 277 22.41 4.26 -9.16
CA ALA A 277 22.33 3.06 -10.00
C ALA A 277 21.00 2.92 -10.72
N CYS A 278 20.13 3.93 -10.68
CA CYS A 278 18.87 3.88 -11.40
C CYS A 278 19.11 4.16 -12.88
N PRO A 279 18.75 3.24 -13.78
CA PRO A 279 18.90 3.50 -15.22
C PRO A 279 18.21 4.79 -15.65
N GLN A 280 18.80 5.46 -16.63
CA GLN A 280 18.27 6.75 -17.05
C GLN A 280 16.85 6.62 -17.60
N GLY A 281 16.58 5.60 -18.41
CA GLY A 281 15.25 5.44 -18.96
C GLY A 281 14.20 5.25 -17.88
N LEU A 282 14.60 4.69 -16.75
CA LEU A 282 13.66 4.49 -15.65
C LEU A 282 13.44 5.77 -14.88
N TYR A 283 14.48 6.62 -14.75
CA TYR A 283 14.28 7.94 -14.18
C TYR A 283 13.34 8.76 -15.05
N GLU A 284 13.44 8.62 -16.38
CA GLU A 284 12.55 9.39 -17.24
C GLU A 284 11.09 8.94 -17.08
N LEU A 285 10.86 7.66 -16.75
CA LEU A 285 9.52 7.19 -16.45
C LEU A 285 8.94 7.89 -15.23
N MET A 286 9.74 8.01 -14.16
CA MET A 286 9.33 8.79 -12.98
C MET A 286 8.98 10.22 -13.37
N LEU A 287 9.84 10.84 -14.19
CA LEU A 287 9.61 12.24 -14.56
C LEU A 287 8.29 12.42 -15.28
N ARG A 288 7.92 11.45 -16.13
CA ARG A 288 6.62 11.54 -16.79
C ARG A 288 5.47 11.42 -15.81
N CYS A 289 5.63 10.63 -14.73
CA CYS A 289 4.61 10.59 -13.69
C CYS A 289 4.43 11.93 -13.00
N TRP A 290 5.42 12.83 -13.08
CA TRP A 290 5.37 14.14 -12.46
C TRP A 290 5.10 15.27 -13.47
N SER A 291 4.48 14.96 -14.61
CA SER A 291 4.12 16.00 -15.57
C SER A 291 3.12 16.97 -14.97
N ARG A 292 3.25 18.26 -15.34
CA ARG A 292 2.31 19.24 -14.79
C ARG A 292 0.87 18.88 -15.16
N GLU A 293 0.62 18.51 -16.42
CA GLU A 293 -0.73 18.21 -16.88
C GLU A 293 -1.10 16.76 -16.59
N SER A 294 -2.21 16.55 -15.89
CA SER A 294 -2.57 15.18 -15.50
C SER A 294 -2.73 14.28 -16.71
N GLU A 295 -3.18 14.82 -17.84
CA GLU A 295 -3.40 13.98 -19.02
C GLU A 295 -2.09 13.55 -19.70
N GLN A 296 -0.95 14.14 -19.34
CA GLN A 296 0.34 13.68 -19.84
C GLN A 296 0.99 12.61 -18.97
N ARG A 297 0.43 12.27 -17.81
CA ARG A 297 1.03 11.23 -16.97
C ARG A 297 0.64 9.84 -17.50
N PRO A 298 1.54 8.85 -17.44
CA PRO A 298 1.23 7.55 -18.03
C PRO A 298 0.16 6.82 -17.26
N PRO A 299 -0.70 6.05 -17.92
CA PRO A 299 -1.68 5.24 -17.21
C PRO A 299 -1.05 4.00 -16.57
N PHE A 300 -1.72 3.46 -15.56
CA PHE A 300 -1.16 2.33 -14.82
C PHE A 300 -0.99 1.10 -15.72
N SER A 301 -1.80 0.95 -16.77
CA SER A 301 -1.61 -0.18 -17.67
C SER A 301 -0.25 -0.10 -18.38
N GLN A 302 0.17 1.10 -18.77
CA GLN A 302 1.46 1.28 -19.43
C GLN A 302 2.63 1.14 -18.45
N LEU A 303 2.49 1.69 -17.23
CA LEU A 303 3.51 1.54 -16.21
C LEU A 303 3.76 0.06 -15.87
N HIS A 304 2.69 -0.72 -15.81
CA HIS A 304 2.80 -2.16 -15.51
C HIS A 304 3.58 -2.90 -16.61
N ARG A 305 3.18 -2.71 -17.87
CA ARG A 305 3.85 -3.40 -18.98
C ARG A 305 5.33 -3.04 -19.03
N PHE A 306 5.66 -1.77 -18.83
CA PHE A 306 7.06 -1.34 -18.89
C PHE A 306 7.89 -2.03 -17.81
N LEU A 307 7.41 -2.01 -16.57
CA LEU A 307 8.18 -2.56 -15.46
C LEU A 307 8.24 -4.08 -15.51
N ALA A 308 7.16 -4.73 -15.96
CA ALA A 308 7.18 -6.19 -16.07
C ALA A 308 8.20 -6.64 -17.11
N GLU A 309 8.32 -5.91 -18.22
CA GLU A 309 9.28 -6.30 -19.26
C GLU A 309 10.71 -6.12 -18.79
N ASP A 310 11.03 -4.98 -18.16
CA ASP A 310 12.39 -4.75 -17.67
C ASP A 310 12.76 -5.75 -16.59
N ALA A 311 11.80 -6.17 -15.77
CA ALA A 311 12.08 -7.15 -14.72
C ALA A 311 12.66 -8.45 -15.29
N LEU A 312 12.33 -8.77 -16.54
CA LEU A 312 12.76 -10.03 -17.15
C LEU A 312 14.01 -9.91 -18.00
N ASN A 313 14.43 -8.69 -18.35
CA ASN A 313 15.56 -8.48 -19.25
C ASN A 313 16.73 -7.75 -18.60
N THR A 314 16.71 -7.58 -17.27
CA THR A 314 17.72 -6.77 -16.60
C THR A 314 18.64 -7.59 -15.71
C1 EDO B . 4.39 18.93 -5.57
O1 EDO B . 3.03 18.89 -5.15
C2 EDO B . 5.29 19.04 -4.34
O2 EDO B . 6.64 18.80 -4.72
C1 EDO C . 8.43 15.73 -7.94
O1 EDO C . 9.62 14.95 -8.18
C2 EDO C . 7.78 15.19 -6.67
O2 EDO C . 6.79 16.11 -6.20
C1 EDO D . -4.60 8.43 -15.75
O1 EDO D . -4.56 7.01 -15.87
C2 EDO D . -3.21 9.00 -15.99
O2 EDO D . -3.29 10.13 -16.87
C1 EDO E . -4.06 10.86 5.78
O1 EDO E . -4.08 10.36 4.43
C2 EDO E . -4.08 9.69 6.75
O2 EDO E . -5.12 8.79 6.35
C1 EDO F . -10.11 3.69 10.29
O1 EDO F . -11.18 3.09 9.56
C2 EDO F . -10.24 5.21 10.23
O2 EDO F . -11.49 5.59 9.64
P PO4 G . -5.59 -2.63 -23.27
O1 PO4 G . -6.87 -1.89 -22.97
O2 PO4 G . -4.43 -1.81 -22.72
O3 PO4 G . -5.64 -3.99 -22.64
O4 PO4 G . -5.43 -2.82 -24.76
S SO4 H . -17.54 9.58 4.66
O1 SO4 H . -17.94 10.21 5.91
O2 SO4 H . -16.07 9.52 4.64
O3 SO4 H . -17.99 10.34 3.49
O4 SO4 H . -18.08 8.23 4.58
C1 EDO I . -3.42 19.50 -14.20
O1 EDO I . -3.95 18.53 -15.11
C2 EDO I . -3.94 19.19 -12.81
O2 EDO I . -5.37 19.35 -12.78
C17 TJW J . -0.83 -7.26 9.60
C19 TJW J . 1.32 -8.28 9.48
C21 TJW J . 3.47 -7.36 10.04
C23 TJW J . 3.14 -9.72 10.12
C24 TJW J . 1.83 -9.55 9.72
C27 TJW J . -8.87 1.16 5.03
C13 TJW J . -2.04 -7.42 8.96
C20 TJW J . 2.15 -7.18 9.64
C22 TJW J . 3.97 -8.62 10.29
C26 TJW J . -8.31 -0.06 4.32
C02 TJW J . -6.70 -1.88 5.11
C03 TJW J . -6.43 -2.98 6.16
C04 TJW J . -7.51 -3.57 6.82
C05 TJW J . -7.30 -4.59 7.75
C06 TJW J . -6.00 -5.01 8.02
C07 TJW J . -4.94 -4.42 7.37
C08 TJW J . -5.15 -3.40 6.43
C09 TJW J . -5.75 -6.12 9.05
C11 TJW J . -3.31 -6.60 9.26
C14 TJW J . -1.87 -8.44 8.03
C30 TJW J . -8.19 3.14 6.54
C31 TJW J . -7.05 3.37 7.41
C32 TJW J . -7.06 4.61 8.17
C33 TJW J . -7.41 5.86 7.37
C35 TJW J . -8.40 4.31 5.60
C39 TJW J . -9.41 8.40 6.57
C40 TJW J . -9.18 -0.70 3.23
C41 TJW J . -9.34 0.09 1.94
C42 TJW J . -8.07 0.23 1.08
C43 TJW J . -8.46 1.00 -0.19
C44 TJW J . -7.33 1.12 -1.21
C45 TJW J . -6.75 -0.24 -1.53
C46 TJW J . -6.29 -0.96 -0.27
C47 TJW J . -7.45 -1.12 0.73
N10 TJW J . -4.60 -6.95 8.68
N15 TJW J . -0.60 -8.86 8.14
N16 TJW J . 0.04 -8.14 9.10
N18 TJW J . -0.57 -6.29 10.64
N25 TJW J . -7.90 -1.08 5.28
N29 TJW J . -7.90 1.95 5.76
N34 TJW J . -8.47 5.66 6.29
O01 TJW J . -5.97 -1.72 4.19
O12 TJW J . -3.26 -5.68 10.00
O28 TJW J . -10.04 1.44 4.99
O37 TJW J . -8.30 7.34 4.32
O38 TJW J . -10.38 6.55 4.78
S36 TJW J . -9.15 6.99 5.46
C1 EDO K . -5.90 -1.37 9.48
O1 EDO K . -6.13 -1.52 10.88
C2 EDO K . -6.32 0.02 9.07
O2 EDO K . -7.69 0.22 9.44
#